data_2B78
#
_entry.id   2B78
#
_cell.length_a   168.472
_cell.length_b   50.659
_cell.length_c   53.963
_cell.angle_alpha   90.00
_cell.angle_beta   104.22
_cell.angle_gamma   90.00
#
_symmetry.space_group_name_H-M   'C 1 2 1'
#
loop_
_entity.id
_entity.type
_entity.pdbx_description
1 polymer 'hypothetical protein SMU.776'
2 water water
#
_entity_poly.entity_id   1
_entity_poly.type   'polypeptide(L)'
_entity_poly.pdbx_seq_one_letter_code
;MIKLMVGSFAEKKLKRGVQLLSSRDYPNLNLDNQVVQLYSDADIFLGTAYLSKQNKGVGWLISPKKVSLNVTYFIKLFQW
SKDKRKNFAHSKLTTAYRLFNQDGDSFGGVTIDCYGDFVLFSWYNSFVYQIRDEIVAAFRQVYPNFLGAYEKIRFKGIDN
VSAHLYGQEAPEQFLILENGISYNVFLNDGLMTGIFLDQRQVRNELINGSAAGKTVLNLFSYTAAFSVAAAMGGAMATTS
VDLAKRSRALSLAHFEANHLDMANHQLVVMDVFDYFKYARRHHLTYDIIIIDPPSFARNKKEVFSVSKDYHKLIRQGLEI
LSENGLIIASTNAANMTVSQFKKQIEKGFGKQKHTYLDLQQLPSDFAVNVQDESSNYLKVFTIKV
;
_entity_poly.pdbx_strand_id   A
#
# COMPACT_ATOMS: atom_id res chain seq x y z
N MET A 1 -14.06 -31.34 -6.77
CA MET A 1 -13.52 -31.09 -8.13
C MET A 1 -12.13 -31.67 -8.29
N ILE A 2 -11.12 -30.81 -8.44
CA ILE A 2 -9.75 -31.25 -8.59
C ILE A 2 -9.09 -31.37 -7.22
N LYS A 3 -8.54 -32.54 -6.92
CA LYS A 3 -7.86 -32.81 -5.67
C LYS A 3 -6.37 -32.62 -5.93
N LEU A 4 -5.82 -31.54 -5.39
CA LEU A 4 -4.41 -31.23 -5.57
C LEU A 4 -3.57 -31.74 -4.41
N MET A 5 -2.65 -32.66 -4.70
CA MET A 5 -1.78 -33.20 -3.65
C MET A 5 -0.60 -32.25 -3.56
N VAL A 6 -0.35 -31.72 -2.36
CA VAL A 6 0.73 -30.77 -2.18
C VAL A 6 1.99 -31.33 -1.56
N GLY A 7 3.09 -30.61 -1.76
CA GLY A 7 4.38 -31.03 -1.22
C GLY A 7 4.50 -30.80 0.26
N SER A 8 5.56 -31.36 0.85
CA SER A 8 5.79 -31.22 2.27
C SER A 8 5.84 -29.76 2.72
N PHE A 9 6.63 -28.95 2.01
CA PHE A 9 6.75 -27.53 2.36
C PHE A 9 5.40 -26.82 2.26
N ALA A 10 4.69 -27.02 1.16
CA ALA A 10 3.39 -26.39 0.98
C ALA A 10 2.48 -26.77 2.14
N GLU A 11 2.58 -28.03 2.57
CA GLU A 11 1.77 -28.55 3.67
C GLU A 11 2.00 -27.85 5.00
N LYS A 12 3.25 -27.79 5.46
CA LYS A 12 3.54 -27.15 6.73
C LYS A 12 3.07 -25.70 6.73
N LYS A 13 3.21 -25.01 5.61
CA LYS A 13 2.76 -23.62 5.54
C LYS A 13 1.25 -23.56 5.70
N LEU A 14 0.53 -24.41 4.98
CA LEU A 14 -0.92 -24.44 5.06
C LEU A 14 -1.34 -24.68 6.50
N LYS A 15 -0.75 -25.69 7.14
CA LYS A 15 -1.09 -26.00 8.52
C LYS A 15 -0.71 -24.88 9.49
N ARG A 16 0.27 -24.08 9.12
CA ARG A 16 0.73 -22.96 9.97
C ARG A 16 -0.17 -21.73 9.82
N GLY A 17 -1.05 -21.76 8.83
CA GLY A 17 -1.94 -20.63 8.62
C GLY A 17 -1.57 -19.72 7.47
N VAL A 18 -0.65 -20.14 6.63
CA VAL A 18 -0.26 -19.32 5.49
C VAL A 18 -1.32 -19.55 4.42
N GLN A 19 -1.95 -18.46 3.98
CA GLN A 19 -3.01 -18.57 2.99
C GLN A 19 -2.52 -18.47 1.56
N LEU A 20 -1.41 -17.75 1.37
CA LEU A 20 -0.83 -17.57 0.05
C LEU A 20 -0.18 -18.85 -0.47
N LEU A 21 -0.53 -19.24 -1.70
CA LEU A 21 0.03 -20.43 -2.32
C LEU A 21 1.18 -19.94 -3.20
N SER A 22 2.41 -20.16 -2.74
CA SER A 22 3.57 -19.72 -3.50
C SER A 22 3.91 -20.58 -4.69
N SER A 23 4.23 -19.94 -5.80
CA SER A 23 4.59 -20.64 -7.01
C SER A 23 5.72 -21.62 -6.70
N ARG A 24 6.71 -21.13 -5.96
CA ARG A 24 7.87 -21.93 -5.59
C ARG A 24 7.52 -23.24 -4.89
N ASP A 25 6.38 -23.28 -4.22
CA ASP A 25 5.96 -24.47 -3.50
C ASP A 25 4.96 -25.34 -4.28
N TYR A 26 4.66 -24.92 -5.51
CA TYR A 26 3.74 -25.64 -6.40
C TYR A 26 4.35 -25.58 -7.81
N PRO A 27 5.61 -26.06 -7.95
CA PRO A 27 6.40 -26.09 -9.19
C PRO A 27 5.75 -26.58 -10.48
N ASN A 28 5.21 -27.79 -10.46
CA ASN A 28 4.60 -28.35 -11.66
C ASN A 28 3.08 -28.39 -11.61
N LEU A 29 2.47 -27.21 -11.55
CA LEU A 29 1.02 -27.13 -11.49
C LEU A 29 0.45 -26.91 -12.90
N ASN A 30 -0.48 -27.77 -13.31
CA ASN A 30 -1.08 -27.65 -14.64
C ASN A 30 -2.47 -27.07 -14.57
N LEU A 31 -2.91 -26.79 -13.35
CA LEU A 31 -4.25 -26.25 -13.12
C LEU A 31 -4.22 -24.74 -12.92
N ASP A 32 -5.38 -24.10 -13.13
CA ASP A 32 -5.49 -22.66 -12.94
C ASP A 32 -6.95 -22.18 -13.00
N ASN A 33 -7.20 -21.04 -12.36
CA ASN A 33 -8.54 -20.43 -12.31
C ASN A 33 -9.68 -21.38 -12.02
N GLN A 34 -9.70 -21.88 -10.79
CA GLN A 34 -10.75 -22.80 -10.36
C GLN A 34 -10.56 -23.10 -8.89
N VAL A 35 -11.62 -23.57 -8.26
CA VAL A 35 -11.56 -23.93 -6.85
C VAL A 35 -11.01 -25.35 -6.81
N VAL A 36 -10.14 -25.63 -5.84
CA VAL A 36 -9.58 -26.97 -5.71
C VAL A 36 -9.58 -27.36 -4.24
N GLN A 37 -9.29 -28.62 -3.98
CA GLN A 37 -9.22 -29.12 -2.62
C GLN A 37 -7.78 -29.57 -2.45
N LEU A 38 -7.11 -29.04 -1.43
CA LEU A 38 -5.73 -29.37 -1.16
C LEU A 38 -5.62 -30.57 -0.25
N TYR A 39 -4.73 -31.50 -0.60
CA TYR A 39 -4.49 -32.71 0.17
C TYR A 39 -2.98 -32.93 0.37
N SER A 40 -2.61 -33.55 1.50
CA SER A 40 -1.21 -33.83 1.78
C SER A 40 -0.83 -35.10 1.03
N ASP A 41 0.41 -35.55 1.19
CA ASP A 41 0.90 -36.76 0.53
C ASP A 41 0.31 -38.01 1.16
N ALA A 42 -0.30 -37.84 2.33
CA ALA A 42 -0.92 -38.94 3.05
C ALA A 42 -2.41 -38.96 2.77
N ASP A 43 -2.82 -38.19 1.76
CA ASP A 43 -4.22 -38.11 1.36
C ASP A 43 -5.13 -37.48 2.41
N ILE A 44 -4.56 -36.58 3.23
CA ILE A 44 -5.35 -35.91 4.25
C ILE A 44 -5.83 -34.56 3.73
N PHE A 45 -7.09 -34.23 4.01
CA PHE A 45 -7.68 -32.98 3.56
C PHE A 45 -7.08 -31.77 4.27
N LEU A 46 -6.53 -30.84 3.50
CA LEU A 46 -5.90 -29.65 4.08
C LEU A 46 -6.73 -28.38 3.88
N GLY A 47 -7.75 -28.44 3.04
CA GLY A 47 -8.58 -27.26 2.85
C GLY A 47 -9.06 -26.96 1.46
N THR A 48 -9.90 -25.93 1.36
CA THR A 48 -10.47 -25.48 0.11
C THR A 48 -9.65 -24.29 -0.35
N ALA A 49 -9.34 -24.20 -1.64
CA ALA A 49 -8.55 -23.10 -2.16
C ALA A 49 -8.93 -22.77 -3.59
N TYR A 50 -8.40 -21.68 -4.11
CA TYR A 50 -8.66 -21.32 -5.50
C TYR A 50 -7.33 -20.98 -6.17
N LEU A 51 -7.23 -21.33 -7.44
CA LEU A 51 -6.02 -21.07 -8.20
C LEU A 51 -6.22 -19.92 -9.17
N SER A 52 -5.20 -19.07 -9.26
CA SER A 52 -5.20 -17.94 -10.18
C SER A 52 -3.85 -17.28 -10.01
N LYS A 53 -3.24 -16.90 -11.11
CA LYS A 53 -1.93 -16.28 -11.06
C LYS A 53 -1.99 -14.87 -10.48
N GLN A 54 -1.13 -14.61 -9.51
CA GLN A 54 -1.06 -13.32 -8.86
C GLN A 54 0.37 -13.07 -8.43
N ASN A 55 1.14 -12.43 -9.32
CA ASN A 55 2.55 -12.13 -9.05
C ASN A 55 3.30 -13.44 -8.80
N LYS A 56 3.84 -13.62 -7.60
CA LYS A 56 4.58 -14.83 -7.29
C LYS A 56 3.69 -15.94 -6.70
N GLY A 57 2.39 -15.68 -6.70
CA GLY A 57 1.46 -16.66 -6.17
C GLY A 57 0.67 -17.37 -7.26
N VAL A 58 0.20 -18.57 -6.93
CA VAL A 58 -0.60 -19.37 -7.85
C VAL A 58 -2.01 -19.54 -7.31
N GLY A 59 -2.26 -18.96 -6.13
CA GLY A 59 -3.58 -19.07 -5.54
C GLY A 59 -3.63 -18.73 -4.06
N TRP A 60 -4.77 -19.01 -3.45
CA TRP A 60 -4.97 -18.73 -2.02
C TRP A 60 -5.81 -19.79 -1.34
N LEU A 61 -5.47 -20.08 -0.09
CA LEU A 61 -6.26 -21.03 0.69
C LEU A 61 -7.49 -20.24 1.10
N ILE A 62 -8.67 -20.83 0.93
CA ILE A 62 -9.91 -20.17 1.31
C ILE A 62 -10.30 -20.56 2.73
N SER A 63 -10.22 -21.85 3.01
CA SER A 63 -10.57 -22.36 4.33
C SER A 63 -10.00 -23.76 4.51
N PRO A 64 -9.77 -24.18 5.77
CA PRO A 64 -9.23 -25.52 6.02
C PRO A 64 -10.34 -26.56 5.98
N LYS A 65 -11.57 -26.10 5.72
CA LYS A 65 -12.73 -26.97 5.64
C LYS A 65 -13.29 -27.01 4.25
N LYS A 66 -14.25 -27.91 4.04
CA LYS A 66 -14.92 -28.05 2.75
C LYS A 66 -16.01 -26.99 2.71
N VAL A 67 -15.84 -26.00 1.85
CA VAL A 67 -16.84 -24.95 1.75
C VAL A 67 -17.01 -24.57 0.28
N SER A 68 -18.10 -23.88 -0.01
CA SER A 68 -18.36 -23.43 -1.38
C SER A 68 -18.35 -21.91 -1.36
N LEU A 69 -17.93 -21.31 -2.47
CA LEU A 69 -17.87 -19.85 -2.57
C LEU A 69 -19.15 -19.21 -3.07
N ASN A 70 -20.21 -19.22 -2.27
CA ASN A 70 -21.45 -18.59 -2.70
C ASN A 70 -21.57 -17.22 -2.04
N VAL A 71 -22.62 -16.48 -2.39
CA VAL A 71 -22.78 -15.14 -1.84
C VAL A 71 -22.79 -15.12 -0.31
N THR A 72 -23.36 -16.15 0.32
CA THR A 72 -23.40 -16.20 1.78
C THR A 72 -22.00 -16.30 2.39
N TYR A 73 -21.11 -17.00 1.71
CA TYR A 73 -19.76 -17.14 2.22
C TYR A 73 -19.09 -15.78 2.29
N PHE A 74 -19.35 -14.92 1.30
CA PHE A 74 -18.75 -13.60 1.30
C PHE A 74 -19.43 -12.66 2.30
N ILE A 75 -20.74 -12.85 2.53
CA ILE A 75 -21.44 -12.02 3.51
C ILE A 75 -20.77 -12.25 4.87
N LYS A 76 -20.48 -13.50 5.18
CA LYS A 76 -19.82 -13.87 6.43
C LYS A 76 -18.45 -13.20 6.52
N LEU A 77 -17.68 -13.29 5.45
CA LEU A 77 -16.35 -12.70 5.42
C LEU A 77 -16.38 -11.19 5.66
N PHE A 78 -17.31 -10.51 5.00
CA PHE A 78 -17.40 -9.06 5.16
C PHE A 78 -17.95 -8.65 6.52
N GLN A 79 -18.82 -9.47 7.11
CA GLN A 79 -19.37 -9.16 8.43
C GLN A 79 -18.23 -9.17 9.44
N TRP A 80 -17.29 -10.10 9.28
CA TRP A 80 -16.16 -10.20 10.19
C TRP A 80 -15.18 -9.03 10.00
N SER A 81 -14.90 -8.69 8.73
CA SER A 81 -13.97 -7.60 8.46
C SER A 81 -14.55 -6.28 8.96
N LYS A 82 -15.87 -6.14 8.86
CA LYS A 82 -16.54 -4.93 9.32
C LYS A 82 -16.49 -4.80 10.83
N ASP A 83 -16.74 -5.91 11.54
CA ASP A 83 -16.72 -5.89 12.99
C ASP A 83 -15.36 -5.54 13.58
N LYS A 84 -14.29 -5.87 12.87
CA LYS A 84 -12.96 -5.56 13.38
C LYS A 84 -12.61 -4.09 13.19
N ARG A 85 -13.40 -3.38 12.41
CA ARG A 85 -13.11 -1.98 12.10
C ARG A 85 -14.07 -0.92 12.65
N LYS A 86 -14.89 -1.29 13.63
CA LYS A 86 -15.85 -0.35 14.22
C LYS A 86 -15.27 1.00 14.63
N ASN A 87 -14.06 0.99 15.18
CA ASN A 87 -13.43 2.25 15.62
C ASN A 87 -13.10 3.18 14.46
N PHE A 88 -12.79 2.59 13.30
CA PHE A 88 -12.49 3.39 12.11
C PHE A 88 -13.76 4.08 11.64
N ALA A 89 -14.76 3.28 11.27
CA ALA A 89 -16.04 3.79 10.78
C ALA A 89 -16.70 4.72 11.77
N HIS A 90 -16.19 4.73 13.00
CA HIS A 90 -16.72 5.56 14.06
C HIS A 90 -16.12 6.96 13.99
N SER A 91 -14.80 7.02 14.04
CA SER A 91 -14.06 8.29 13.99
C SER A 91 -14.22 9.03 12.67
N LYS A 92 -14.44 10.34 12.76
CA LYS A 92 -14.61 11.13 11.54
C LYS A 92 -13.34 11.94 11.20
N LEU A 93 -12.26 11.70 11.94
CA LEU A 93 -10.98 12.38 11.68
C LEU A 93 -10.35 11.76 10.44
N THR A 94 -10.71 10.52 10.16
CA THR A 94 -10.21 9.78 9.00
C THR A 94 -11.39 9.16 8.28
N THR A 95 -11.68 9.65 7.08
CA THR A 95 -12.83 9.15 6.33
C THR A 95 -12.45 8.26 5.17
N ALA A 96 -11.16 7.96 5.05
CA ALA A 96 -10.69 7.08 3.98
C ALA A 96 -9.75 6.09 4.63
N TYR A 97 -10.07 4.80 4.51
CA TYR A 97 -9.25 3.75 5.09
C TYR A 97 -9.60 2.43 4.42
N ARG A 98 -8.82 1.38 4.69
CA ARG A 98 -9.09 0.09 4.06
C ARG A 98 -10.11 -0.78 4.79
N LEU A 99 -11.09 -1.29 4.05
CA LEU A 99 -12.15 -2.14 4.62
C LEU A 99 -11.83 -3.65 4.55
N PHE A 100 -11.05 -4.05 3.55
CA PHE A 100 -10.71 -5.46 3.36
C PHE A 100 -9.34 -5.56 2.73
N ASN A 101 -8.46 -6.37 3.30
CA ASN A 101 -7.10 -6.49 2.76
C ASN A 101 -6.63 -7.91 2.53
N GLN A 102 -7.07 -8.49 1.42
CA GLN A 102 -6.68 -9.84 1.03
C GLN A 102 -6.64 -10.90 2.14
N ASP A 103 -5.50 -11.56 2.33
CA ASP A 103 -5.42 -12.60 3.36
C ASP A 103 -5.49 -12.07 4.79
N GLY A 104 -5.33 -10.76 4.95
CA GLY A 104 -5.41 -10.18 6.28
C GLY A 104 -6.85 -10.32 6.77
N ASP A 105 -7.77 -10.46 5.82
CA ASP A 105 -9.18 -10.63 6.17
C ASP A 105 -9.72 -11.96 5.64
N SER A 106 -8.80 -12.90 5.48
CA SER A 106 -9.09 -14.26 5.05
C SER A 106 -9.58 -14.53 3.63
N PHE A 107 -9.26 -13.65 2.70
CA PHE A 107 -9.62 -13.92 1.31
C PHE A 107 -8.68 -13.16 0.41
N GLY A 108 -7.57 -13.79 0.05
CA GLY A 108 -6.60 -13.14 -0.81
C GLY A 108 -7.16 -12.84 -2.19
N GLY A 109 -6.56 -11.85 -2.87
CA GLY A 109 -7.01 -11.49 -4.20
C GLY A 109 -7.93 -10.28 -4.27
N VAL A 110 -8.45 -9.87 -3.11
CA VAL A 110 -9.38 -8.73 -3.07
C VAL A 110 -9.08 -7.72 -1.97
N THR A 111 -9.14 -6.43 -2.32
CA THR A 111 -8.98 -5.37 -1.34
C THR A 111 -10.15 -4.43 -1.60
N ILE A 112 -10.61 -3.75 -0.56
CA ILE A 112 -11.71 -2.81 -0.69
C ILE A 112 -11.39 -1.62 0.20
N ASP A 113 -11.42 -0.43 -0.39
CA ASP A 113 -11.13 0.77 0.37
C ASP A 113 -12.36 1.66 0.40
N CYS A 114 -12.49 2.45 1.45
CA CYS A 114 -13.59 3.37 1.50
C CYS A 114 -12.97 4.76 1.42
N TYR A 115 -13.54 5.59 0.56
CA TYR A 115 -13.08 6.96 0.36
C TYR A 115 -14.29 7.85 0.55
N GLY A 116 -14.55 8.25 1.80
CA GLY A 116 -15.69 9.09 2.06
C GLY A 116 -16.98 8.31 1.87
N ASP A 117 -17.82 8.76 0.95
CA ASP A 117 -19.10 8.09 0.69
C ASP A 117 -19.04 7.02 -0.40
N PHE A 118 -17.86 6.81 -0.97
CA PHE A 118 -17.69 5.82 -2.03
C PHE A 118 -16.68 4.73 -1.66
N VAL A 119 -16.82 3.57 -2.28
CA VAL A 119 -15.92 2.47 -2.04
C VAL A 119 -15.14 2.13 -3.29
N LEU A 120 -13.98 1.51 -3.10
CA LEU A 120 -13.13 1.11 -4.22
C LEU A 120 -12.69 -0.34 -4.08
N PHE A 121 -13.14 -1.16 -5.01
CA PHE A 121 -12.81 -2.58 -5.07
C PHE A 121 -11.59 -2.73 -5.95
N SER A 122 -10.70 -3.66 -5.57
CA SER A 122 -9.52 -3.92 -6.38
C SER A 122 -9.40 -5.43 -6.57
N TRP A 123 -9.34 -5.84 -7.82
CA TRP A 123 -9.23 -7.26 -8.17
C TRP A 123 -7.80 -7.58 -8.60
N TYR A 124 -7.14 -8.47 -7.84
CA TYR A 124 -5.75 -8.82 -8.11
C TYR A 124 -5.52 -10.04 -9.01
N ASN A 125 -6.59 -10.75 -9.38
CA ASN A 125 -6.44 -11.89 -10.25
C ASN A 125 -7.72 -12.16 -11.04
N SER A 126 -7.59 -12.88 -12.16
CA SER A 126 -8.75 -13.15 -13.00
C SER A 126 -9.85 -13.97 -12.34
N PHE A 127 -9.49 -14.85 -11.41
CA PHE A 127 -10.52 -15.65 -10.76
C PHE A 127 -11.51 -14.83 -9.96
N VAL A 128 -11.03 -14.01 -9.04
CA VAL A 128 -11.95 -13.21 -8.24
C VAL A 128 -12.72 -12.28 -9.16
N TYR A 129 -12.08 -11.83 -10.23
CA TYR A 129 -12.74 -10.94 -11.16
C TYR A 129 -13.93 -11.65 -11.79
N GLN A 130 -13.77 -12.91 -12.17
CA GLN A 130 -14.86 -13.63 -12.80
C GLN A 130 -16.04 -13.89 -11.86
N ILE A 131 -15.78 -13.97 -10.55
CA ILE A 131 -16.88 -14.21 -9.61
C ILE A 131 -17.19 -12.94 -8.82
N ARG A 132 -16.87 -11.78 -9.38
CA ARG A 132 -17.09 -10.53 -8.65
C ARG A 132 -18.54 -10.11 -8.41
N ASP A 133 -19.49 -10.61 -9.19
CA ASP A 133 -20.88 -10.22 -8.97
C ASP A 133 -21.40 -10.67 -7.62
N GLU A 134 -21.08 -11.90 -7.23
CA GLU A 134 -21.51 -12.40 -5.94
C GLU A 134 -20.75 -11.70 -4.82
N ILE A 135 -19.47 -11.44 -5.03
CA ILE A 135 -18.69 -10.75 -4.02
C ILE A 135 -19.29 -9.37 -3.76
N VAL A 136 -19.57 -8.62 -4.81
CA VAL A 136 -20.13 -7.28 -4.66
C VAL A 136 -21.52 -7.35 -4.02
N ALA A 137 -22.34 -8.28 -4.47
CA ALA A 137 -23.68 -8.46 -3.94
C ALA A 137 -23.62 -8.65 -2.43
N ALA A 138 -22.69 -9.51 -1.98
CA ALA A 138 -22.49 -9.77 -0.56
C ALA A 138 -22.04 -8.52 0.17
N PHE A 139 -21.15 -7.75 -0.46
CA PHE A 139 -20.64 -6.53 0.17
C PHE A 139 -21.76 -5.50 0.35
N ARG A 140 -22.56 -5.29 -0.68
CA ARG A 140 -23.63 -4.32 -0.60
C ARG A 140 -24.62 -4.62 0.52
N GLN A 141 -24.79 -5.89 0.87
CA GLN A 141 -25.72 -6.21 1.96
C GLN A 141 -25.10 -5.83 3.30
N VAL A 142 -23.81 -6.09 3.46
CA VAL A 142 -23.11 -5.80 4.70
C VAL A 142 -22.85 -4.30 4.89
N TYR A 143 -22.57 -3.60 3.78
CA TYR A 143 -22.30 -2.15 3.81
C TYR A 143 -23.28 -1.51 2.84
N PRO A 144 -24.56 -1.44 3.22
CA PRO A 144 -25.61 -0.86 2.38
C PRO A 144 -25.66 0.66 2.21
N ASN A 145 -24.93 1.39 3.05
CA ASN A 145 -24.99 2.85 3.02
C ASN A 145 -24.01 3.67 2.17
N PHE A 146 -23.17 3.02 1.38
CA PHE A 146 -22.26 3.77 0.54
C PHE A 146 -23.05 4.31 -0.65
N LEU A 147 -22.68 5.48 -1.16
CA LEU A 147 -23.39 6.09 -2.28
C LEU A 147 -23.05 5.47 -3.63
N GLY A 148 -21.83 4.97 -3.76
CA GLY A 148 -21.41 4.39 -5.01
C GLY A 148 -20.12 3.60 -4.87
N ALA A 149 -19.71 2.93 -5.95
CA ALA A 149 -18.50 2.13 -5.93
C ALA A 149 -17.78 2.11 -7.28
N TYR A 150 -16.46 1.95 -7.20
CA TYR A 150 -15.59 1.87 -8.36
C TYR A 150 -14.71 0.65 -8.19
N GLU A 151 -14.06 0.23 -9.26
CA GLU A 151 -13.20 -0.94 -9.20
C GLU A 151 -11.92 -0.76 -10.00
N LYS A 152 -10.83 -1.36 -9.53
CA LYS A 152 -9.54 -1.32 -10.23
C LYS A 152 -9.20 -2.75 -10.63
N ILE A 153 -8.72 -2.94 -11.86
CA ILE A 153 -8.30 -4.25 -12.34
C ILE A 153 -6.78 -4.26 -12.16
N ARG A 154 -6.31 -5.12 -11.27
CA ARG A 154 -4.87 -5.20 -10.97
C ARG A 154 -4.18 -6.45 -11.51
N PHE A 155 -4.57 -6.87 -12.70
CA PHE A 155 -3.95 -8.05 -13.31
C PHE A 155 -3.92 -7.94 -14.82
N ASN A 160 -8.98 -1.99 -19.81
CA ASN A 160 -9.29 -0.90 -18.89
C ASN A 160 -8.90 -1.31 -17.47
N VAL A 161 -8.42 -0.36 -16.70
CA VAL A 161 -8.01 -0.70 -15.36
C VAL A 161 -8.93 -0.13 -14.29
N SER A 162 -9.75 0.84 -14.68
CA SER A 162 -10.67 1.45 -13.72
C SER A 162 -12.06 1.63 -14.31
N ALA A 163 -13.08 1.45 -13.48
CA ALA A 163 -14.46 1.58 -13.93
C ALA A 163 -15.45 1.81 -12.80
N HIS A 164 -16.54 2.51 -13.10
CA HIS A 164 -17.59 2.75 -12.12
C HIS A 164 -18.23 1.36 -11.95
N LEU A 165 -18.54 0.98 -10.72
CA LEU A 165 -19.10 -0.35 -10.45
C LEU A 165 -20.59 -0.39 -10.12
N TYR A 166 -21.02 0.41 -9.15
CA TYR A 166 -22.44 0.45 -8.80
C TYR A 166 -22.81 1.74 -8.08
N GLY A 167 -24.10 2.03 -8.04
CA GLY A 167 -24.57 3.23 -7.36
C GLY A 167 -24.30 4.55 -8.07
N GLN A 168 -24.21 5.61 -7.28
CA GLN A 168 -23.96 6.96 -7.81
C GLN A 168 -22.52 7.11 -8.29
N GLU A 169 -22.31 8.12 -9.13
CA GLU A 169 -20.97 8.41 -9.63
C GLU A 169 -20.38 9.41 -8.64
N ALA A 170 -19.05 9.42 -8.52
CA ALA A 170 -18.37 10.33 -7.62
C ALA A 170 -17.75 11.46 -8.43
N PRO A 171 -17.49 12.61 -7.80
CA PRO A 171 -16.87 13.70 -8.57
C PRO A 171 -15.54 13.14 -9.05
N GLU A 172 -15.07 13.58 -10.21
CA GLU A 172 -13.79 13.06 -10.71
C GLU A 172 -12.71 13.20 -9.66
N GLN A 173 -12.79 14.27 -8.88
CA GLN A 173 -11.84 14.53 -7.79
C GLN A 173 -12.60 15.13 -6.60
N PHE A 174 -12.29 14.64 -5.40
CA PHE A 174 -12.94 15.14 -4.20
C PHE A 174 -12.01 14.99 -3.01
N LEU A 175 -12.37 15.61 -1.89
CA LEU A 175 -11.54 15.56 -0.69
C LEU A 175 -12.02 14.54 0.33
N ILE A 176 -11.06 14.00 1.08
CA ILE A 176 -11.36 13.07 2.16
C ILE A 176 -10.54 13.61 3.32
N LEU A 177 -10.74 13.09 4.51
CA LEU A 177 -10.00 13.54 5.67
C LEU A 177 -9.18 12.37 6.20
N GLU A 178 -7.96 12.68 6.64
CA GLU A 178 -7.08 11.65 7.22
C GLU A 178 -6.27 12.34 8.31
N ASN A 179 -6.39 11.82 9.54
CA ASN A 179 -5.70 12.40 10.68
C ASN A 179 -6.18 13.83 10.86
N GLY A 180 -7.40 14.11 10.41
CA GLY A 180 -7.93 15.45 10.58
C GLY A 180 -7.55 16.50 9.55
N ILE A 181 -6.82 16.12 8.50
CA ILE A 181 -6.48 17.10 7.46
C ILE A 181 -7.01 16.59 6.12
N SER A 182 -7.17 17.48 5.16
CA SER A 182 -7.73 17.12 3.85
C SER A 182 -6.74 16.70 2.80
N TYR A 183 -7.18 15.79 1.94
CA TYR A 183 -6.39 15.27 0.82
C TYR A 183 -7.32 15.12 -0.38
N ASN A 184 -6.82 15.50 -1.55
CA ASN A 184 -7.55 15.42 -2.80
C ASN A 184 -7.33 14.05 -3.45
N VAL A 185 -8.44 13.35 -3.73
CA VAL A 185 -8.36 12.03 -4.34
C VAL A 185 -9.26 11.90 -5.56
N PHE A 186 -9.07 10.82 -6.30
CA PHE A 186 -9.84 10.54 -7.51
C PHE A 186 -9.97 9.02 -7.60
N LEU A 187 -11.17 8.54 -7.95
CA LEU A 187 -11.42 7.10 -8.00
C LEU A 187 -11.53 6.44 -9.35
N ASN A 188 -11.54 7.21 -10.43
CA ASN A 188 -11.68 6.58 -11.73
C ASN A 188 -10.66 7.07 -12.77
N ASP A 189 -9.44 7.32 -12.31
CA ASP A 189 -8.38 7.78 -13.20
C ASP A 189 -7.11 6.94 -13.01
N GLY A 190 -7.02 5.84 -13.75
CA GLY A 190 -5.86 4.97 -13.64
C GLY A 190 -5.93 4.02 -12.47
N LEU A 191 -4.81 3.39 -12.14
CA LEU A 191 -4.74 2.45 -11.03
C LEU A 191 -4.65 3.10 -9.66
N MET A 192 -4.06 4.30 -9.59
CA MET A 192 -3.91 4.98 -8.32
C MET A 192 -5.00 5.99 -8.03
N THR A 193 -5.09 6.41 -6.77
CA THR A 193 -6.12 7.32 -6.32
C THR A 193 -5.69 8.69 -5.82
N GLY A 194 -4.39 9.01 -5.91
CA GLY A 194 -3.94 10.30 -5.44
C GLY A 194 -3.30 10.21 -4.07
N ILE A 195 -3.47 9.08 -3.40
CA ILE A 195 -2.89 8.89 -2.09
C ILE A 195 -2.76 7.40 -1.77
N PHE A 196 -1.78 7.07 -0.93
CA PHE A 196 -1.60 5.69 -0.50
C PHE A 196 -1.98 5.68 0.96
N LEU A 197 -3.16 5.14 1.23
CA LEU A 197 -3.69 5.11 2.59
C LEU A 197 -2.83 4.37 3.59
N ASP A 198 -2.06 3.39 3.14
CA ASP A 198 -1.23 2.64 4.07
C ASP A 198 -0.15 3.47 4.76
N GLN A 199 0.15 4.65 4.25
CA GLN A 199 1.17 5.50 4.88
C GLN A 199 0.58 6.53 5.85
N ARG A 200 -0.66 6.30 6.25
CA ARG A 200 -1.37 7.21 7.16
C ARG A 200 -0.65 7.53 8.46
N GLN A 201 -0.04 6.52 9.07
CA GLN A 201 0.63 6.76 10.34
C GLN A 201 1.95 7.50 10.17
N VAL A 202 2.53 7.43 8.98
CA VAL A 202 3.78 8.14 8.72
C VAL A 202 3.41 9.62 8.56
N ARG A 203 2.31 9.88 7.84
CA ARG A 203 1.84 11.24 7.65
C ARG A 203 1.40 11.80 9.01
N ASN A 204 0.86 10.96 9.88
CA ASN A 204 0.45 11.42 11.21
C ASN A 204 1.64 11.97 11.99
N GLU A 205 2.78 11.30 11.87
CA GLU A 205 4.00 11.71 12.58
C GLU A 205 4.45 13.09 12.10
N LEU A 206 4.34 13.32 10.81
CA LEU A 206 4.74 14.59 10.20
C LEU A 206 3.79 15.70 10.64
N ILE A 207 2.50 15.42 10.60
CA ILE A 207 1.51 16.40 11.01
C ILE A 207 1.70 16.73 12.47
N ASN A 208 2.16 15.74 13.22
CA ASN A 208 2.41 15.87 14.64
C ASN A 208 3.59 16.79 15.01
N GLY A 209 4.48 17.03 14.04
CA GLY A 209 5.61 17.90 14.30
C GLY A 209 6.98 17.27 14.13
N SER A 210 7.06 16.10 13.51
CA SER A 210 8.35 15.45 13.34
C SER A 210 9.30 16.32 12.52
N ALA A 211 8.76 17.17 11.65
CA ALA A 211 9.57 18.05 10.81
C ALA A 211 9.37 19.54 11.18
N ALA A 212 8.86 19.81 12.38
CA ALA A 212 8.64 21.19 12.79
C ALA A 212 9.89 22.04 12.70
N GLY A 213 9.79 23.16 11.99
CA GLY A 213 10.92 24.07 11.85
C GLY A 213 12.06 23.52 11.03
N LYS A 214 11.82 22.42 10.32
CA LYS A 214 12.86 21.79 9.51
C LYS A 214 12.54 21.91 8.03
N THR A 215 13.57 21.79 7.18
CA THR A 215 13.37 21.84 5.73
C THR A 215 13.24 20.39 5.27
N VAL A 216 12.32 20.13 4.34
CA VAL A 216 12.09 18.77 3.89
C VAL A 216 12.16 18.57 2.39
N LEU A 217 12.78 17.46 2.00
CA LEU A 217 12.86 17.08 0.59
C LEU A 217 12.11 15.75 0.47
N ASN A 218 11.08 15.74 -0.37
CA ASN A 218 10.27 14.55 -0.56
C ASN A 218 10.50 14.01 -1.97
N LEU A 219 11.23 12.90 -2.07
CA LEU A 219 11.55 12.29 -3.36
C LEU A 219 10.51 11.27 -3.79
N PHE A 220 10.15 11.29 -5.08
CA PHE A 220 9.12 10.39 -5.63
C PHE A 220 7.82 10.76 -4.91
N SER A 221 7.61 12.06 -4.77
CA SER A 221 6.46 12.65 -4.08
C SER A 221 5.05 12.21 -4.50
N TYR A 222 4.90 11.85 -5.77
CA TYR A 222 3.62 11.41 -6.34
C TYR A 222 2.62 12.56 -6.35
N THR A 223 1.94 12.81 -5.23
CA THR A 223 1.03 13.94 -5.15
C THR A 223 1.42 14.79 -3.93
N ALA A 224 2.64 14.55 -3.44
CA ALA A 224 3.19 15.28 -2.31
C ALA A 224 2.38 15.20 -1.02
N ALA A 225 1.71 14.06 -0.79
CA ALA A 225 0.93 13.92 0.44
C ALA A 225 1.83 14.05 1.69
N PHE A 226 3.08 13.59 1.62
CA PHE A 226 3.99 13.71 2.78
C PHE A 226 4.36 15.17 3.00
N SER A 227 4.48 15.92 1.91
CA SER A 227 4.84 17.32 1.99
C SER A 227 3.75 18.15 2.66
N VAL A 228 2.49 17.90 2.29
CA VAL A 228 1.39 18.62 2.88
C VAL A 228 1.29 18.28 4.37
N ALA A 229 1.52 17.02 4.72
CA ALA A 229 1.48 16.56 6.11
C ALA A 229 2.54 17.32 6.92
N ALA A 230 3.76 17.34 6.38
CA ALA A 230 4.85 18.06 7.05
C ALA A 230 4.53 19.54 7.19
N ALA A 231 3.92 20.13 6.17
CA ALA A 231 3.54 21.54 6.20
C ALA A 231 2.55 21.82 7.33
N MET A 232 1.60 20.91 7.53
CA MET A 232 0.59 21.05 8.57
C MET A 232 1.20 20.82 9.95
N GLY A 233 2.40 20.25 9.96
CA GLY A 233 3.10 19.98 11.21
C GLY A 233 4.17 21.02 11.44
N GLY A 234 4.08 22.14 10.74
CA GLY A 234 5.03 23.22 10.94
C GLY A 234 6.39 23.17 10.27
N ALA A 235 6.54 22.41 9.20
CA ALA A 235 7.82 22.33 8.53
C ALA A 235 8.22 23.72 8.03
N MET A 236 9.50 24.03 8.09
CA MET A 236 9.97 25.33 7.64
C MET A 236 9.75 25.49 6.14
N ALA A 237 10.02 24.43 5.38
CA ALA A 237 9.86 24.46 3.94
C ALA A 237 9.85 23.04 3.39
N THR A 238 9.31 22.84 2.21
CA THR A 238 9.34 21.50 1.63
C THR A 238 9.52 21.59 0.13
N THR A 239 10.25 20.63 -0.40
CA THR A 239 10.49 20.54 -1.83
C THR A 239 10.04 19.14 -2.20
N SER A 240 9.08 19.06 -3.12
CA SER A 240 8.54 17.78 -3.56
C SER A 240 8.97 17.49 -4.98
N VAL A 241 9.65 16.36 -5.17
CA VAL A 241 10.15 16.00 -6.49
C VAL A 241 9.55 14.74 -7.09
N ASP A 242 8.98 14.86 -8.29
CA ASP A 242 8.42 13.71 -8.98
C ASP A 242 8.70 13.82 -10.46
N LEU A 243 8.90 12.68 -11.11
CA LEU A 243 9.19 12.66 -12.54
C LEU A 243 7.99 13.05 -13.40
N ALA A 244 6.78 12.88 -12.88
CA ALA A 244 5.56 13.16 -13.67
C ALA A 244 4.94 14.56 -13.61
N LYS A 245 4.71 15.13 -14.79
CA LYS A 245 4.12 16.46 -14.91
C LYS A 245 2.79 16.54 -14.16
N ARG A 246 2.08 15.42 -14.13
CA ARG A 246 0.80 15.33 -13.43
C ARG A 246 0.88 15.70 -11.96
N SER A 247 2.05 15.46 -11.35
CA SER A 247 2.25 15.75 -9.93
C SER A 247 1.94 17.19 -9.52
N ARG A 248 2.14 18.15 -10.42
CA ARG A 248 1.90 19.55 -10.07
C ARG A 248 0.48 19.85 -9.58
N ALA A 249 -0.50 19.73 -10.47
CA ALA A 249 -1.87 20.02 -10.09
C ALA A 249 -2.38 19.16 -8.94
N LEU A 250 -2.04 17.87 -8.96
CA LEU A 250 -2.48 16.93 -7.92
C LEU A 250 -1.88 17.24 -6.57
N SER A 251 -0.69 17.84 -6.56
CA SER A 251 -0.04 18.19 -5.31
C SER A 251 -0.65 19.49 -4.78
N LEU A 252 -0.88 20.44 -5.68
CA LEU A 252 -1.46 21.73 -5.32
C LEU A 252 -2.82 21.57 -4.66
N ALA A 253 -3.57 20.57 -5.11
CA ALA A 253 -4.90 20.30 -4.60
C ALA A 253 -4.95 20.05 -3.10
N HIS A 254 -3.94 19.36 -2.57
CA HIS A 254 -3.89 19.08 -1.14
C HIS A 254 -3.59 20.36 -0.36
N PHE A 255 -2.61 21.11 -0.84
CA PHE A 255 -2.21 22.35 -0.19
C PHE A 255 -3.36 23.33 -0.17
N GLU A 256 -4.10 23.40 -1.27
CA GLU A 256 -5.25 24.29 -1.38
C GLU A 256 -6.36 23.89 -0.41
N ALA A 257 -6.61 22.59 -0.31
CA ALA A 257 -7.66 22.06 0.57
C ALA A 257 -7.40 22.41 2.02
N ASN A 258 -6.13 22.58 2.36
CA ASN A 258 -5.75 22.91 3.73
C ASN A 258 -5.39 24.38 3.89
N HIS A 259 -5.74 25.17 2.88
CA HIS A 259 -5.51 26.60 2.85
C HIS A 259 -4.10 27.01 3.26
N LEU A 260 -3.11 26.28 2.74
CA LEU A 260 -1.72 26.56 3.04
C LEU A 260 -1.08 27.50 2.02
N ASP A 261 -0.37 28.53 2.49
CA ASP A 261 0.31 29.44 1.58
C ASP A 261 1.55 28.67 1.14
N MET A 262 1.85 28.69 -0.15
CA MET A 262 3.00 27.92 -0.63
C MET A 262 4.33 28.63 -0.89
N ALA A 263 4.51 29.81 -0.32
CA ALA A 263 5.75 30.56 -0.50
C ALA A 263 6.97 29.69 -0.23
N ASN A 264 6.88 28.83 0.79
CA ASN A 264 8.00 27.97 1.12
C ASN A 264 7.78 26.51 0.76
N HIS A 265 6.90 26.28 -0.21
CA HIS A 265 6.63 24.92 -0.64
C HIS A 265 6.82 24.88 -2.15
N GLN A 266 7.83 24.13 -2.58
CA GLN A 266 8.17 24.01 -4.00
C GLN A 266 7.85 22.64 -4.58
N LEU A 267 7.29 22.64 -5.79
CA LEU A 267 6.97 21.39 -6.48
C LEU A 267 7.89 21.35 -7.71
N VAL A 268 8.67 20.27 -7.81
CA VAL A 268 9.61 20.09 -8.90
C VAL A 268 9.26 18.86 -9.73
N VAL A 269 9.42 18.97 -11.04
CA VAL A 269 9.16 17.82 -11.92
C VAL A 269 10.50 17.48 -12.53
N MET A 270 11.10 16.40 -12.06
CA MET A 270 12.41 16.01 -12.56
C MET A 270 12.74 14.59 -12.13
N ASP A 271 13.63 13.95 -12.88
CA ASP A 271 14.08 12.60 -12.55
C ASP A 271 14.79 12.76 -11.19
N VAL A 272 14.59 11.82 -10.27
CA VAL A 272 15.20 11.93 -8.96
C VAL A 272 16.72 11.94 -8.97
N PHE A 273 17.33 11.18 -9.87
CA PHE A 273 18.79 11.19 -9.94
C PHE A 273 19.25 12.52 -10.52
N ASP A 274 18.47 13.07 -11.45
CA ASP A 274 18.84 14.36 -12.04
C ASP A 274 18.71 15.42 -10.94
N TYR A 275 17.77 15.22 -10.02
CA TYR A 275 17.63 16.20 -8.95
C TYR A 275 18.79 16.11 -7.97
N PHE A 276 19.32 14.91 -7.75
CA PHE A 276 20.44 14.74 -6.83
C PHE A 276 21.60 15.55 -7.38
N LYS A 277 21.85 15.45 -8.68
CA LYS A 277 22.93 16.18 -9.32
C LYS A 277 22.71 17.70 -9.29
N TYR A 278 21.46 18.12 -9.45
CA TYR A 278 21.10 19.53 -9.44
C TYR A 278 21.36 20.10 -8.05
N ALA A 279 21.01 19.30 -7.04
CA ALA A 279 21.17 19.69 -5.65
C ALA A 279 22.65 19.85 -5.29
N ARG A 280 23.47 18.92 -5.77
CA ARG A 280 24.90 18.98 -5.52
C ARG A 280 25.47 20.24 -6.18
N ARG A 281 25.05 20.47 -7.42
CA ARG A 281 25.48 21.63 -8.20
C ARG A 281 25.14 22.96 -7.56
N HIS A 282 23.96 23.06 -6.97
CA HIS A 282 23.50 24.30 -6.34
C HIS A 282 23.62 24.34 -4.81
N HIS A 283 24.33 23.37 -4.27
CA HIS A 283 24.57 23.27 -2.82
C HIS A 283 23.29 23.25 -2.00
N LEU A 284 22.28 22.53 -2.49
CA LEU A 284 21.02 22.44 -1.79
C LEU A 284 21.03 21.31 -0.76
N THR A 285 20.80 21.65 0.51
CA THR A 285 20.76 20.65 1.57
C THR A 285 19.45 20.74 2.34
N TYR A 286 19.01 19.60 2.86
CA TYR A 286 17.75 19.53 3.59
C TYR A 286 17.92 18.81 4.94
N ASP A 287 17.12 19.22 5.92
CA ASP A 287 17.17 18.62 7.26
C ASP A 287 16.57 17.23 7.29
N ILE A 288 15.57 17.01 6.44
CA ILE A 288 14.86 15.74 6.38
C ILE A 288 14.63 15.36 4.92
N ILE A 289 14.98 14.14 4.56
CA ILE A 289 14.78 13.65 3.20
C ILE A 289 13.89 12.42 3.24
N ILE A 290 12.77 12.48 2.53
CA ILE A 290 11.85 11.35 2.48
C ILE A 290 12.06 10.69 1.15
N ILE A 291 12.23 9.37 1.17
CA ILE A 291 12.47 8.60 -0.04
C ILE A 291 11.39 7.52 -0.11
N ASP A 292 10.58 7.55 -1.18
CA ASP A 292 9.51 6.60 -1.32
C ASP A 292 9.21 6.25 -2.78
N PRO A 293 10.13 5.53 -3.44
CA PRO A 293 9.96 5.15 -4.85
C PRO A 293 8.73 4.26 -5.06
N PRO A 294 7.99 4.50 -6.14
CA PRO A 294 6.77 3.74 -6.51
C PRO A 294 7.00 2.24 -6.63
N SER A 295 6.06 1.45 -6.12
CA SER A 295 6.16 0.01 -6.19
C SER A 295 5.35 -0.45 -7.41
N PHE A 296 4.73 0.52 -8.08
CA PHE A 296 3.90 0.27 -9.26
C PHE A 296 3.78 -1.20 -9.61
N GLU A 302 9.22 0.12 -16.48
CA GLU A 302 9.79 -0.62 -15.35
C GLU A 302 10.33 0.40 -14.36
N VAL A 303 9.58 0.61 -13.29
CA VAL A 303 9.94 1.58 -12.27
C VAL A 303 11.08 1.17 -11.31
N PHE A 304 11.84 2.15 -10.85
CA PHE A 304 12.95 1.96 -9.94
C PHE A 304 13.03 0.60 -9.24
N SER A 305 14.20 -0.03 -9.31
CA SER A 305 14.44 -1.33 -8.68
C SER A 305 14.88 -1.15 -7.24
N VAL A 306 13.96 -1.36 -6.30
CA VAL A 306 14.27 -1.23 -4.89
C VAL A 306 15.30 -2.26 -4.43
N SER A 307 15.01 -3.53 -4.73
CA SER A 307 15.89 -4.62 -4.34
C SER A 307 17.32 -4.43 -4.78
N LYS A 308 17.53 -3.72 -5.90
CA LYS A 308 18.88 -3.52 -6.41
C LYS A 308 19.52 -2.13 -6.29
N ASP A 309 18.74 -1.07 -6.50
CA ASP A 309 19.30 0.27 -6.46
C ASP A 309 18.93 1.19 -5.30
N TYR A 310 18.17 0.70 -4.32
CA TYR A 310 17.80 1.57 -3.23
C TYR A 310 19.02 2.21 -2.55
N HIS A 311 20.13 1.47 -2.45
CA HIS A 311 21.32 2.00 -1.80
C HIS A 311 21.80 3.30 -2.44
N LYS A 312 21.48 3.49 -3.71
CA LYS A 312 21.90 4.69 -4.41
C LYS A 312 21.12 5.92 -3.94
N LEU A 313 19.84 5.71 -3.60
CA LEU A 313 19.01 6.82 -3.13
C LEU A 313 19.52 7.29 -1.78
N ILE A 314 19.88 6.33 -0.93
CA ILE A 314 20.40 6.63 0.40
C ILE A 314 21.76 7.32 0.31
N ARG A 315 22.64 6.80 -0.53
CA ARG A 315 23.98 7.35 -0.71
C ARG A 315 23.93 8.79 -1.19
N GLN A 316 23.21 9.02 -2.28
CA GLN A 316 23.11 10.36 -2.82
C GLN A 316 22.30 11.30 -1.94
N GLY A 317 21.31 10.76 -1.23
CA GLY A 317 20.53 11.59 -0.33
C GLY A 317 21.41 12.11 0.81
N LEU A 318 22.28 11.25 1.31
CA LEU A 318 23.18 11.63 2.39
C LEU A 318 24.09 12.78 1.99
N GLU A 319 24.38 12.89 0.70
CA GLU A 319 25.24 13.94 0.19
C GLU A 319 24.60 15.33 0.27
N ILE A 320 23.28 15.38 0.31
CA ILE A 320 22.58 16.65 0.41
C ILE A 320 21.74 16.75 1.69
N LEU A 321 22.11 15.98 2.71
CA LEU A 321 21.39 16.00 3.99
C LEU A 321 22.14 16.83 5.02
N SER A 322 21.43 17.72 5.71
CA SER A 322 22.04 18.58 6.72
C SER A 322 22.66 17.79 7.86
N GLU A 323 23.50 18.47 8.64
CA GLU A 323 24.14 17.85 9.79
C GLU A 323 22.99 17.52 10.74
N ASN A 324 23.07 16.36 11.40
CA ASN A 324 22.03 15.92 12.34
C ASN A 324 20.67 15.76 11.66
N GLY A 325 20.68 15.50 10.36
CA GLY A 325 19.43 15.34 9.63
C GLY A 325 18.80 13.97 9.76
N LEU A 326 17.63 13.81 9.16
CA LEU A 326 16.90 12.53 9.20
C LEU A 326 16.52 12.05 7.81
N ILE A 327 16.47 10.73 7.67
CA ILE A 327 16.07 10.13 6.41
C ILE A 327 14.89 9.22 6.75
N ILE A 328 13.82 9.34 5.97
CA ILE A 328 12.65 8.49 6.16
C ILE A 328 12.66 7.65 4.89
N ALA A 329 13.14 6.41 5.02
CA ALA A 329 13.23 5.48 3.90
C ALA A 329 12.03 4.57 3.86
N SER A 330 11.20 4.76 2.84
CA SER A 330 9.99 3.99 2.66
C SER A 330 9.97 3.15 1.39
N THR A 331 9.22 2.06 1.43
CA THR A 331 9.08 1.18 0.28
C THR A 331 7.86 0.32 0.48
N ASN A 332 7.14 0.03 -0.61
CA ASN A 332 5.95 -0.81 -0.56
C ASN A 332 6.24 -2.11 -1.31
N ALA A 333 7.51 -2.36 -1.60
CA ALA A 333 7.94 -3.56 -2.33
C ALA A 333 7.68 -4.83 -1.54
N ALA A 334 6.69 -5.60 -1.98
CA ALA A 334 6.28 -6.85 -1.32
C ALA A 334 7.34 -7.95 -1.43
N ASN A 335 8.19 -7.82 -2.45
CA ASN A 335 9.25 -8.78 -2.71
C ASN A 335 10.48 -8.58 -1.83
N MET A 336 10.54 -7.46 -1.11
CA MET A 336 11.68 -7.20 -0.24
C MET A 336 11.35 -7.41 1.24
N THR A 337 12.20 -8.14 1.95
CA THR A 337 11.98 -8.35 3.37
C THR A 337 12.51 -7.13 4.12
N VAL A 338 12.18 -7.05 5.40
CA VAL A 338 12.63 -5.95 6.24
C VAL A 338 14.16 -5.97 6.29
N SER A 339 14.74 -7.16 6.43
CA SER A 339 16.19 -7.27 6.51
C SER A 339 16.86 -6.94 5.19
N GLN A 340 16.27 -7.36 4.07
CA GLN A 340 16.82 -7.06 2.75
C GLN A 340 16.83 -5.55 2.52
N PHE A 341 15.77 -4.89 3.00
CA PHE A 341 15.62 -3.45 2.86
C PHE A 341 16.68 -2.77 3.72
N LYS A 342 16.79 -3.21 4.96
CA LYS A 342 17.78 -2.62 5.86
C LYS A 342 19.18 -2.76 5.27
N LYS A 343 19.43 -3.86 4.57
CA LYS A 343 20.73 -4.11 3.94
C LYS A 343 21.04 -3.13 2.82
N GLN A 344 20.00 -2.69 2.11
CA GLN A 344 20.15 -1.73 1.03
C GLN A 344 20.47 -0.37 1.61
N ILE A 345 19.86 -0.07 2.74
CA ILE A 345 20.10 1.20 3.41
C ILE A 345 21.54 1.21 3.94
N GLU A 346 21.94 0.13 4.61
CA GLU A 346 23.29 0.04 5.15
C GLU A 346 24.32 0.21 4.04
N LYS A 347 24.03 -0.37 2.88
CA LYS A 347 24.92 -0.29 1.73
C LYS A 347 25.12 1.16 1.30
N GLY A 348 24.03 1.93 1.31
CA GLY A 348 24.12 3.34 0.94
C GLY A 348 24.88 4.20 1.95
N PHE A 349 24.75 3.87 3.24
CA PHE A 349 25.42 4.62 4.29
C PHE A 349 26.93 4.39 4.32
N GLY A 350 27.37 3.23 3.85
CA GLY A 350 28.80 2.96 3.89
C GLY A 350 29.20 2.98 5.35
N LYS A 351 30.31 3.63 5.69
CA LYS A 351 30.72 3.66 7.08
C LYS A 351 30.27 4.93 7.82
N GLN A 352 29.43 5.73 7.18
CA GLN A 352 28.95 6.95 7.84
C GLN A 352 28.06 6.50 8.99
N LYS A 353 28.28 7.07 10.18
CA LYS A 353 27.51 6.71 11.35
C LYS A 353 26.05 7.13 11.27
N HIS A 354 25.17 6.26 11.78
CA HIS A 354 23.73 6.54 11.79
C HIS A 354 23.00 5.67 12.82
N THR A 355 21.79 6.08 13.17
CA THR A 355 20.99 5.37 14.16
C THR A 355 19.56 5.16 13.65
N TYR A 356 19.05 3.94 13.81
CA TYR A 356 17.68 3.67 13.39
C TYR A 356 16.75 4.07 14.53
N LEU A 357 15.92 5.07 14.28
CA LEU A 357 15.01 5.54 15.30
C LEU A 357 13.71 4.75 15.33
N ASP A 358 13.29 4.27 14.17
CA ASP A 358 12.03 3.54 14.11
C ASP A 358 11.76 2.80 12.82
N LEU A 359 10.82 1.86 12.87
CA LEU A 359 10.38 1.09 11.71
C LEU A 359 8.86 1.03 11.83
N GLN A 360 8.17 1.50 10.81
CA GLN A 360 6.70 1.46 10.81
C GLN A 360 6.30 0.61 9.62
N GLN A 361 5.23 -0.16 9.77
CA GLN A 361 4.75 -0.98 8.67
C GLN A 361 3.26 -0.76 8.51
N LEU A 362 2.56 -1.71 7.91
CA LEU A 362 1.13 -1.52 7.67
C LEU A 362 0.28 -1.23 8.89
N PRO A 363 -0.64 -0.28 8.74
CA PRO A 363 -1.56 0.11 9.82
C PRO A 363 -2.67 -0.96 9.91
N SER A 364 -3.33 -1.04 11.06
CA SER A 364 -4.35 -2.06 11.31
C SER A 364 -5.44 -2.30 10.27
N ASP A 365 -5.81 -1.26 9.51
CA ASP A 365 -6.83 -1.44 8.48
C ASP A 365 -6.28 -2.23 7.30
N PHE A 366 -4.98 -2.11 7.06
CA PHE A 366 -4.36 -2.90 5.99
C PHE A 366 -3.95 -4.17 6.72
N ALA A 367 -4.96 -4.93 7.16
CA ALA A 367 -4.76 -6.15 7.93
C ALA A 367 -3.75 -7.12 7.35
N VAL A 368 -2.86 -7.58 8.21
CA VAL A 368 -1.85 -8.53 7.79
C VAL A 368 -2.22 -9.91 8.32
N ASN A 369 -1.76 -10.94 7.63
CA ASN A 369 -1.98 -12.30 8.09
C ASN A 369 -0.83 -12.48 9.09
N VAL A 370 -1.15 -12.63 10.37
CA VAL A 370 -0.12 -12.77 11.40
C VAL A 370 0.74 -14.01 11.24
N GLN A 371 0.21 -15.01 10.54
CA GLN A 371 0.94 -16.25 10.29
C GLN A 371 1.82 -16.09 9.05
N ASP A 372 1.76 -14.93 8.41
CA ASP A 372 2.56 -14.69 7.22
C ASP A 372 3.03 -13.24 7.20
N GLU A 373 4.16 -12.99 7.88
CA GLU A 373 4.69 -11.64 7.97
C GLU A 373 5.07 -11.01 6.62
N SER A 374 5.25 -11.85 5.60
CA SER A 374 5.61 -11.35 4.27
C SER A 374 4.47 -10.51 3.67
N SER A 375 3.28 -10.63 4.25
CA SER A 375 2.13 -9.88 3.75
C SER A 375 2.28 -8.42 4.17
N ASN A 376 3.10 -8.17 5.19
CA ASN A 376 3.30 -6.81 5.66
C ASN A 376 4.33 -6.13 4.75
N TYR A 377 3.87 -5.70 3.59
CA TYR A 377 4.73 -5.10 2.57
C TYR A 377 5.31 -3.71 2.81
N LEU A 378 4.63 -2.88 3.58
CA LEU A 378 5.14 -1.54 3.82
C LEU A 378 6.27 -1.58 4.85
N LYS A 379 7.36 -0.88 4.54
CA LYS A 379 8.50 -0.81 5.44
C LYS A 379 8.98 0.63 5.42
N VAL A 380 8.96 1.31 6.56
CA VAL A 380 9.41 2.68 6.62
C VAL A 380 10.38 2.82 7.78
N PHE A 381 11.61 3.18 7.45
CA PHE A 381 12.67 3.36 8.45
C PHE A 381 12.97 4.83 8.66
N THR A 382 12.98 5.26 9.92
CA THR A 382 13.31 6.63 10.24
C THR A 382 14.72 6.53 10.82
N ILE A 383 15.68 7.18 10.15
CA ILE A 383 17.09 7.13 10.54
C ILE A 383 17.73 8.49 10.79
N LYS A 384 18.45 8.61 11.89
CA LYS A 384 19.13 9.86 12.22
C LYS A 384 20.63 9.78 11.96
N VAL A 385 21.21 10.87 11.49
CA VAL A 385 22.63 10.91 11.20
C VAL A 385 23.34 11.90 12.14
#